data_8H7I
#
_entry.id   8H7I
#
_cell.length_a   68.113
_cell.length_b   96.123
_cell.length_c   91.121
_cell.angle_alpha   90.000
_cell.angle_beta   90.000
_cell.angle_gamma   90.000
#
_symmetry.space_group_name_H-M   'C 2 2 21'
#
loop_
_entity.id
_entity.type
_entity.pdbx_description
1 polymer 'Nanobody 11A'
2 non-polymer quinalphos
3 water water
#
_entity_poly.entity_id   1
_entity_poly.type   'polypeptide(L)'
_entity_poly.pdbx_seq_one_letter_code
;EVQLVESGGGLVQPGGSLRLSCVGSGRVRTINTAGWYRQAPGQEPEFLARITVGGTTSYADSVKGRFTISRDLAKSTVYL
QMDYLKPEDTAVYYCNADFDFGSRTAWGQGTQVTVSSGQAGQHHHHHHGAYPYDVPDYAS
;
_entity_poly.pdbx_strand_id   A,B
#
# COMPACT_ATOMS: atom_id res chain seq x y z
N GLU A 1 11.35 15.75 7.20
CA GLU A 1 10.97 14.34 7.03
C GLU A 1 10.04 13.89 8.15
N VAL A 2 8.87 13.38 7.77
CA VAL A 2 7.89 12.86 8.71
C VAL A 2 7.56 11.42 8.31
N GLN A 3 7.56 10.52 9.29
CA GLN A 3 7.19 9.13 9.08
C GLN A 3 5.97 8.80 9.95
N LEU A 4 5.11 7.92 9.42
CA LEU A 4 3.88 7.53 10.08
C LEU A 4 3.81 6.01 10.16
N VAL A 5 3.49 5.50 11.34
CA VAL A 5 3.41 4.06 11.59
C VAL A 5 2.02 3.75 12.13
N GLU A 6 1.34 2.79 11.49
CA GLU A 6 -0.01 2.43 11.86
C GLU A 6 -0.06 1.12 12.64
N SER A 7 -1.12 0.95 13.40
CA SER A 7 -1.38 -0.28 14.13
C SER A 7 -2.85 -0.27 14.58
N GLY A 8 -3.36 -1.46 14.86
CA GLY A 8 -4.69 -1.60 15.43
C GLY A 8 -5.72 -2.31 14.57
N GLY A 9 -5.38 -2.74 13.36
CA GLY A 9 -6.34 -3.44 12.55
C GLY A 9 -6.57 -4.86 13.04
N GLY A 10 -7.32 -5.61 12.25
CA GLY A 10 -7.56 -7.01 12.55
C GLY A 10 -8.95 -7.43 12.09
N LEU A 11 -9.35 -8.61 12.54
CA LEU A 11 -10.63 -9.21 12.20
C LEU A 11 -11.63 -8.96 13.33
N VAL A 12 -12.78 -8.39 12.97
CA VAL A 12 -13.84 -8.11 13.93
C VAL A 12 -15.17 -8.52 13.32
N GLN A 13 -16.11 -8.86 14.20
CA GLN A 13 -17.46 -9.20 13.77
C GLN A 13 -18.24 -7.93 13.42
N PRO A 14 -19.23 -8.01 12.53
CA PRO A 14 -20.11 -6.87 12.29
C PRO A 14 -20.75 -6.38 13.58
N GLY A 15 -20.79 -5.07 13.76
CA GLY A 15 -21.22 -4.46 14.99
C GLY A 15 -20.13 -4.22 16.00
N GLY A 16 -18.93 -4.77 15.78
CA GLY A 16 -17.82 -4.58 16.69
C GLY A 16 -17.21 -3.20 16.54
N SER A 17 -16.04 -3.03 17.15
CA SER A 17 -15.36 -1.75 17.12
C SER A 17 -13.85 -1.97 17.15
N LEU A 18 -13.13 -1.01 16.58
CA LEU A 18 -11.67 -1.01 16.56
C LEU A 18 -11.17 0.42 16.67
N ARG A 19 -9.99 0.58 17.26
CA ARG A 19 -9.28 1.85 17.27
C ARG A 19 -7.97 1.67 16.55
N LEU A 20 -7.74 2.49 15.52
CA LEU A 20 -6.49 2.47 14.77
C LEU A 20 -5.62 3.61 15.24
N SER A 21 -4.31 3.35 15.31
CA SER A 21 -3.34 4.35 15.73
C SER A 21 -2.43 4.73 14.56
N CYS A 22 -2.03 6.00 14.53
CA CYS A 22 -1.14 6.53 13.49
C CYS A 22 -0.07 7.34 14.21
N VAL A 23 1.05 6.69 14.51
CA VAL A 23 2.12 7.31 15.29
C VAL A 23 3.06 8.03 14.34
N GLY A 24 3.23 9.33 14.55
CA GLY A 24 4.11 10.15 13.75
C GLY A 24 5.46 10.36 14.43
N SER A 25 6.52 10.32 13.64
CA SER A 25 7.87 10.58 14.11
C SER A 25 8.56 11.52 13.13
N GLY A 26 9.67 12.11 13.58
CA GLY A 26 10.36 13.10 12.78
C GLY A 26 9.97 14.51 13.12
N ARG A 27 9.91 15.39 12.11
CA ARG A 27 9.56 16.79 12.32
C ARG A 27 8.05 16.96 12.50
N VAL A 28 7.53 16.33 13.56
CA VAL A 28 6.09 16.30 13.76
C VAL A 28 5.52 17.69 14.10
N ARG A 29 6.35 18.61 14.57
CA ARG A 29 5.86 19.94 14.88
C ARG A 29 5.56 20.76 13.63
N THR A 30 5.88 20.25 12.45
CA THR A 30 5.54 20.90 11.18
C THR A 30 4.25 20.37 10.59
N ILE A 31 3.61 19.39 11.24
CA ILE A 31 2.40 18.77 10.70
C ILE A 31 1.24 19.74 10.82
N ASN A 32 0.50 19.92 9.74
CA ASN A 32 -0.67 20.80 9.70
C ASN A 32 -1.98 20.03 9.92
N THR A 33 -2.20 18.98 9.13
CA THR A 33 -3.40 18.17 9.24
C THR A 33 -3.03 16.69 9.16
N ALA A 34 -3.90 15.86 9.70
CA ALA A 34 -3.81 14.42 9.55
C ALA A 34 -5.15 13.89 9.08
N GLY A 35 -5.11 12.81 8.31
CA GLY A 35 -6.31 12.23 7.75
C GLY A 35 -6.24 10.71 7.73
N TRP A 36 -7.41 10.10 7.68
CA TRP A 36 -7.55 8.67 7.52
C TRP A 36 -8.22 8.37 6.19
N TYR A 37 -7.66 7.39 5.47
CA TYR A 37 -8.20 6.92 4.21
C TYR A 37 -8.32 5.40 4.27
N ARG A 38 -9.12 4.85 3.36
CA ARG A 38 -9.25 3.40 3.27
C ARG A 38 -9.32 3.00 1.81
N GLN A 39 -8.90 1.77 1.54
CA GLN A 39 -8.85 1.21 0.18
C GLN A 39 -9.50 -0.16 0.20
N ALA A 40 -10.75 -0.22 -0.24
CA ALA A 40 -11.46 -1.49 -0.32
C ALA A 40 -10.86 -2.35 -1.42
N PRO A 41 -11.06 -3.68 -1.35
CA PRO A 41 -10.59 -4.54 -2.44
C PRO A 41 -11.21 -4.15 -3.77
N GLY A 42 -10.35 -3.80 -4.73
CA GLY A 42 -10.84 -3.44 -6.04
C GLY A 42 -11.38 -2.04 -6.18
N GLN A 43 -11.01 -1.12 -5.29
CA GLN A 43 -11.53 0.23 -5.34
C GLN A 43 -10.40 1.23 -5.11
N GLU A 44 -10.64 2.45 -5.58
CA GLU A 44 -9.75 3.56 -5.31
C GLU A 44 -9.73 3.84 -3.79
N PRO A 45 -8.62 4.36 -3.26
CA PRO A 45 -8.64 4.84 -1.88
C PRO A 45 -9.70 5.91 -1.69
N GLU A 46 -10.24 5.97 -0.47
CA GLU A 46 -11.38 6.84 -0.17
C GLU A 46 -11.09 7.65 1.08
N PHE A 47 -11.35 8.95 1.01
CA PHE A 47 -11.19 9.80 2.18
C PHE A 47 -12.24 9.49 3.23
N LEU A 48 -11.82 9.45 4.49
CA LEU A 48 -12.71 9.15 5.60
C LEU A 48 -12.82 10.31 6.58
N ALA A 49 -11.70 10.81 7.09
CA ALA A 49 -11.75 11.83 8.12
C ALA A 49 -10.46 12.65 8.09
N ARG A 50 -10.52 13.81 8.75
CA ARG A 50 -9.43 14.77 8.75
C ARG A 50 -9.48 15.54 10.06
N ILE A 51 -8.32 15.87 10.62
CA ILE A 51 -8.26 16.62 11.86
C ILE A 51 -7.08 17.59 11.81
N THR A 52 -7.28 18.79 12.35
CA THR A 52 -6.24 19.80 12.40
C THR A 52 -5.47 19.71 13.71
N VAL A 53 -4.43 20.53 13.83
CA VAL A 53 -3.67 20.61 15.08
C VAL A 53 -4.57 21.10 16.21
N GLY A 54 -5.48 22.04 15.90
CA GLY A 54 -6.39 22.54 16.92
C GLY A 54 -7.45 21.55 17.33
N GLY A 55 -7.68 20.51 16.55
CA GLY A 55 -8.67 19.51 16.86
C GLY A 55 -9.95 19.57 16.06
N THR A 56 -10.04 20.45 15.07
CA THR A 56 -11.22 20.50 14.21
C THR A 56 -11.26 19.27 13.32
N THR A 57 -12.41 18.61 13.25
CA THR A 57 -12.57 17.34 12.55
C THR A 57 -13.54 17.49 11.38
N SER A 58 -13.24 16.76 10.30
CA SER A 58 -14.10 16.69 9.13
C SER A 58 -14.28 15.22 8.76
N TYR A 59 -15.46 14.87 8.26
CA TYR A 59 -15.80 13.48 7.99
C TYR A 59 -16.48 13.35 6.65
N ALA A 60 -16.33 12.19 6.03
CA ALA A 60 -17.09 11.86 4.83
C ALA A 60 -18.43 11.25 5.23
N ASP A 61 -19.40 11.35 4.31
CA ASP A 61 -20.74 10.86 4.60
C ASP A 61 -20.76 9.38 4.92
N SER A 62 -19.83 8.61 4.34
CA SER A 62 -19.86 7.16 4.50
C SER A 62 -19.55 6.72 5.93
N VAL A 63 -18.92 7.57 6.74
CA VAL A 63 -18.51 7.22 8.09
C VAL A 63 -19.04 8.19 9.14
N LYS A 64 -19.83 9.18 8.75
CA LYS A 64 -20.39 10.11 9.72
C LYS A 64 -21.32 9.38 10.68
N GLY A 65 -21.16 9.66 11.97
CA GLY A 65 -21.92 8.99 13.00
C GLY A 65 -21.45 7.61 13.36
N ARG A 66 -20.38 7.12 12.73
CA ARG A 66 -19.86 5.79 13.07
C ARG A 66 -18.38 5.81 13.39
N PHE A 67 -17.58 6.59 12.67
CA PHE A 67 -16.16 6.69 12.92
C PHE A 67 -15.84 8.04 13.55
N THR A 68 -14.76 8.07 14.34
CA THR A 68 -14.33 9.27 15.04
C THR A 68 -12.82 9.41 14.91
N ILE A 69 -12.35 10.60 14.55
CA ILE A 69 -10.93 10.89 14.46
C ILE A 69 -10.54 11.83 15.59
N SER A 70 -9.41 11.52 16.23
CA SER A 70 -8.88 12.33 17.31
C SER A 70 -7.36 12.31 17.23
N ARG A 71 -6.73 13.20 17.98
CA ARG A 71 -5.28 13.29 17.99
C ARG A 71 -4.78 13.62 19.38
N ASP A 72 -3.62 13.06 19.73
CA ASP A 72 -2.94 13.34 20.99
C ASP A 72 -1.58 13.94 20.64
N LEU A 73 -1.44 15.26 20.84
CA LEU A 73 -0.19 15.93 20.49
C LEU A 73 0.97 15.45 21.35
N ALA A 74 0.70 15.06 22.59
CA ALA A 74 1.77 14.60 23.47
C ALA A 74 2.46 13.35 22.95
N LYS A 75 1.73 12.53 22.19
CA LYS A 75 2.27 11.28 21.66
C LYS A 75 2.46 11.32 20.14
N SER A 76 2.10 12.42 19.49
CA SER A 76 2.17 12.52 18.03
C SER A 76 1.40 11.38 17.37
N THR A 77 0.20 11.13 17.88
CA THR A 77 -0.62 10.00 17.44
C THR A 77 -2.01 10.48 17.05
N VAL A 78 -2.49 10.02 15.91
CA VAL A 78 -3.84 10.25 15.45
C VAL A 78 -4.59 8.93 15.48
N TYR A 79 -5.81 8.96 16.00
CA TYR A 79 -6.60 7.76 16.17
C TYR A 79 -7.82 7.78 15.26
N LEU A 80 -8.28 6.58 14.90
CA LEU A 80 -9.54 6.38 14.20
C LEU A 80 -10.34 5.37 14.99
N GLN A 81 -11.38 5.84 15.70
CA GLN A 81 -12.27 4.96 16.44
C GLN A 81 -13.36 4.48 15.48
N MET A 82 -13.26 3.21 15.08
CA MET A 82 -14.16 2.63 14.08
C MET A 82 -15.26 1.88 14.81
N ASP A 83 -16.46 2.46 14.84
CA ASP A 83 -17.61 1.86 15.52
C ASP A 83 -18.71 1.56 14.51
N TYR A 84 -19.70 0.79 14.96
CA TYR A 84 -20.83 0.37 14.13
C TYR A 84 -20.33 -0.24 12.83
N LEU A 85 -19.47 -1.24 12.95
CA LEU A 85 -18.73 -1.76 11.81
C LEU A 85 -19.61 -2.65 10.94
N LYS A 86 -19.60 -2.35 9.65
CA LYS A 86 -20.30 -3.08 8.59
C LYS A 86 -19.31 -3.90 7.77
N PRO A 87 -19.76 -4.99 7.14
CA PRO A 87 -18.88 -5.72 6.21
C PRO A 87 -18.30 -4.81 5.13
N GLU A 88 -19.02 -3.78 4.73
CA GLU A 88 -18.53 -2.83 3.73
C GLU A 88 -17.38 -1.97 4.25
N ASP A 89 -17.10 -2.01 5.55
CA ASP A 89 -15.93 -1.31 6.10
C ASP A 89 -14.64 -2.10 5.92
N THR A 90 -14.72 -3.31 5.37
CA THR A 90 -13.52 -4.12 5.14
C THR A 90 -12.61 -3.45 4.12
N ALA A 91 -11.42 -3.08 4.54
CA ALA A 91 -10.47 -2.38 3.69
C ALA A 91 -9.13 -2.30 4.38
N VAL A 92 -8.12 -1.86 3.63
CA VAL A 92 -6.85 -1.43 4.20
C VAL A 92 -6.96 0.05 4.52
N TYR A 93 -6.71 0.40 5.78
CA TYR A 93 -6.89 1.76 6.25
C TYR A 93 -5.55 2.46 6.32
N TYR A 94 -5.48 3.65 5.72
CA TYR A 94 -4.25 4.42 5.62
C TYR A 94 -4.41 5.76 6.30
N CYS A 95 -3.35 6.21 6.97
CA CYS A 95 -3.27 7.52 7.58
CA CYS A 95 -3.30 7.54 7.56
C CYS A 95 -2.25 8.38 6.83
N ASN A 96 -2.52 9.67 6.77
CA ASN A 96 -1.59 10.60 6.12
C ASN A 96 -1.43 11.83 6.98
N ALA A 97 -0.38 12.60 6.68
CA ALA A 97 -0.12 13.86 7.35
C ALA A 97 0.40 14.86 6.34
N ASP A 98 -0.15 16.07 6.39
CA ASP A 98 0.34 17.18 5.59
C ASP A 98 1.19 18.06 6.49
N PHE A 99 2.42 18.36 6.05
CA PHE A 99 3.34 19.15 6.85
C PHE A 99 4.08 20.12 5.94
N ASP A 100 4.91 20.97 6.56
CA ASP A 100 5.62 22.06 5.87
C ASP A 100 4.63 22.98 5.15
N PHE A 101 3.72 23.55 5.95
CA PHE A 101 2.67 24.44 5.45
C PHE A 101 1.86 23.77 4.34
N GLY A 102 1.61 22.46 4.51
CA GLY A 102 0.83 21.72 3.55
C GLY A 102 1.51 21.48 2.22
N SER A 103 2.83 21.62 2.15
CA SER A 103 3.56 21.41 0.91
C SER A 103 3.97 19.95 0.69
N ARG A 104 4.19 19.20 1.77
CA ARG A 104 4.58 17.81 1.67
C ARG A 104 3.54 16.92 2.34
N THR A 105 3.61 15.63 2.05
CA THR A 105 2.63 14.67 2.54
C THR A 105 3.33 13.35 2.84
N ALA A 106 3.00 12.76 3.98
CA ALA A 106 3.50 11.44 4.37
C ALA A 106 2.35 10.48 4.58
N TRP A 107 2.58 9.21 4.27
CA TRP A 107 1.57 8.17 4.40
C TRP A 107 2.06 7.07 5.33
N GLY A 108 1.10 6.44 6.04
CA GLY A 108 1.40 5.26 6.80
C GLY A 108 1.43 4.02 5.92
N GLN A 109 1.89 2.91 6.50
CA GLN A 109 2.04 1.68 5.73
C GLN A 109 0.73 0.92 5.56
N GLY A 110 -0.33 1.34 6.23
CA GLY A 110 -1.62 0.68 6.10
C GLY A 110 -1.79 -0.44 7.12
N THR A 111 -3.05 -0.67 7.49
CA THR A 111 -3.41 -1.75 8.39
C THR A 111 -4.75 -2.34 7.94
N GLN A 112 -4.83 -3.66 7.91
CA GLN A 112 -6.01 -4.34 7.39
C GLN A 112 -7.11 -4.40 8.44
N VAL A 113 -8.33 -4.10 8.01
CA VAL A 113 -9.52 -4.26 8.84
C VAL A 113 -10.48 -5.18 8.08
N THR A 114 -10.89 -6.26 8.73
CA THR A 114 -11.80 -7.24 8.14
C THR A 114 -13.01 -7.40 9.04
N VAL A 115 -14.19 -7.12 8.49
CA VAL A 115 -15.46 -7.26 9.20
C VAL A 115 -16.20 -8.42 8.57
N SER A 116 -16.24 -9.56 9.27
CA SER A 116 -16.81 -10.77 8.70
C SER A 116 -17.49 -11.59 9.78
N SER A 117 -18.31 -12.55 9.34
CA SER A 117 -19.03 -13.47 10.22
C SER A 117 -19.90 -12.74 11.24
N GLU B 1 4.52 -27.28 -8.85
CA GLU B 1 3.64 -26.26 -8.33
C GLU B 1 4.42 -25.11 -7.70
N VAL B 2 4.15 -23.89 -8.17
CA VAL B 2 4.77 -22.67 -7.65
C VAL B 2 3.67 -21.65 -7.41
N GLN B 3 3.74 -20.96 -6.28
CA GLN B 3 2.77 -19.93 -5.95
C GLN B 3 3.50 -18.64 -5.60
N LEU B 4 2.84 -17.51 -5.86
CA LEU B 4 3.41 -16.19 -5.67
C LEU B 4 2.48 -15.35 -4.81
N VAL B 5 3.02 -14.74 -3.75
CA VAL B 5 2.27 -13.88 -2.86
C VAL B 5 2.95 -12.52 -2.84
N GLU B 6 2.19 -11.47 -3.13
CA GLU B 6 2.73 -10.11 -3.20
C GLU B 6 2.43 -9.32 -1.94
N SER B 7 3.26 -8.30 -1.72
CA SER B 7 3.04 -7.32 -0.67
C SER B 7 3.86 -6.09 -1.01
N GLY B 8 3.66 -5.02 -0.26
CA GLY B 8 4.45 -3.81 -0.39
C GLY B 8 3.72 -2.63 -1.01
N GLY B 9 2.54 -2.84 -1.59
CA GLY B 9 1.79 -1.74 -2.14
C GLY B 9 1.20 -0.87 -1.06
N GLY B 10 0.47 0.14 -1.49
CA GLY B 10 -0.21 1.04 -0.56
C GLY B 10 -0.30 2.44 -1.14
N LEU B 11 -0.24 3.43 -0.26
CA LEU B 11 -0.30 4.83 -0.63
C LEU B 11 1.06 5.48 -0.41
N VAL B 12 1.38 6.45 -1.27
CA VAL B 12 2.66 7.14 -1.21
C VAL B 12 2.49 8.47 -1.94
N GLN B 13 3.18 9.49 -1.44
CA GLN B 13 3.07 10.81 -2.06
C GLN B 13 3.90 10.88 -3.32
N PRO B 14 3.56 11.77 -4.25
CA PRO B 14 4.39 11.96 -5.45
C PRO B 14 5.83 12.28 -5.07
N GLY B 15 6.77 11.64 -5.77
CA GLY B 15 8.17 11.70 -5.42
C GLY B 15 8.61 10.66 -4.42
N GLY B 16 7.68 9.95 -3.79
CA GLY B 16 8.01 8.98 -2.78
C GLY B 16 8.48 7.65 -3.36
N SER B 17 8.69 6.69 -2.46
CA SER B 17 9.24 5.40 -2.82
C SER B 17 8.40 4.28 -2.21
N LEU B 18 8.35 3.15 -2.93
CA LEU B 18 7.73 1.93 -2.46
C LEU B 18 8.55 0.75 -2.94
N ARG B 19 8.53 -0.32 -2.15
CA ARG B 19 9.19 -1.57 -2.53
C ARG B 19 8.16 -2.70 -2.49
N LEU B 20 7.95 -3.33 -3.64
CA LEU B 20 7.03 -4.46 -3.74
C LEU B 20 7.78 -5.76 -3.62
N SER B 21 7.12 -6.76 -3.02
CA SER B 21 7.70 -8.08 -2.83
C SER B 21 6.88 -9.12 -3.57
N CYS B 22 7.57 -10.12 -4.13
CA CYS B 22 6.95 -11.25 -4.81
C CYS B 22 7.56 -12.51 -4.21
N VAL B 23 6.89 -13.07 -3.21
CA VAL B 23 7.44 -14.20 -2.46
C VAL B 23 6.98 -15.50 -3.10
N GLY B 24 7.94 -16.30 -3.55
CA GLY B 24 7.63 -17.58 -4.19
C GLY B 24 7.71 -18.72 -3.19
N SER B 25 6.80 -19.69 -3.37
CA SER B 25 6.77 -20.89 -2.55
C SER B 25 6.54 -22.08 -3.46
N GLY B 26 6.94 -23.26 -2.97
CA GLY B 26 6.83 -24.49 -3.74
C GLY B 26 8.16 -24.90 -4.35
N ARG B 27 8.12 -25.44 -5.57
CA ARG B 27 9.33 -25.85 -6.28
C ARG B 27 10.03 -24.63 -6.88
N VAL B 28 10.48 -23.74 -5.99
CA VAL B 28 11.00 -22.44 -6.42
C VAL B 28 12.30 -22.56 -7.20
N ARG B 29 13.02 -23.68 -7.05
CA ARG B 29 14.27 -23.83 -7.80
C ARG B 29 14.03 -24.09 -9.28
N THR B 30 12.81 -24.46 -9.67
CA THR B 30 12.48 -24.65 -11.07
C THR B 30 12.16 -23.34 -11.79
N ILE B 31 12.13 -22.21 -11.07
CA ILE B 31 11.81 -20.93 -11.68
C ILE B 31 12.94 -20.47 -12.58
N ASN B 32 12.59 -19.93 -13.74
CA ASN B 32 13.54 -19.43 -14.73
C ASN B 32 13.64 -17.91 -14.72
N THR B 33 12.50 -17.22 -14.85
CA THR B 33 12.46 -15.76 -14.84
C THR B 33 11.28 -15.32 -14.00
N ALA B 34 11.28 -14.04 -13.64
CA ALA B 34 10.17 -13.39 -12.96
C ALA B 34 9.98 -12.01 -13.54
N GLY B 35 8.74 -11.52 -13.51
CA GLY B 35 8.42 -10.24 -14.09
C GLY B 35 7.42 -9.48 -13.24
N TRP B 36 7.42 -8.16 -13.43
CA TRP B 36 6.45 -7.27 -12.81
C TRP B 36 5.59 -6.63 -13.89
N TYR B 37 4.28 -6.57 -13.63
CA TYR B 37 3.33 -5.94 -14.52
C TYR B 37 2.45 -5.00 -13.70
N ARG B 38 1.76 -4.09 -14.40
CA ARG B 38 0.77 -3.26 -13.76
C ARG B 38 -0.43 -3.10 -14.68
N GLN B 39 -1.62 -3.01 -14.08
CA GLN B 39 -2.87 -2.97 -14.82
C GLN B 39 -3.70 -1.78 -14.38
N ALA B 40 -4.30 -1.11 -15.37
CA ALA B 40 -5.19 0.01 -15.18
C ALA B 40 -6.57 -0.35 -15.71
N PRO B 41 -7.63 0.37 -15.30
CA PRO B 41 -8.99 -0.01 -15.69
C PRO B 41 -9.16 -0.16 -17.20
N GLY B 42 -9.88 -1.20 -17.59
CA GLY B 42 -10.19 -1.42 -18.99
C GLY B 42 -9.01 -1.81 -19.85
N GLN B 43 -7.92 -2.28 -19.25
CA GLN B 43 -6.74 -2.68 -20.01
C GLN B 43 -6.19 -3.97 -19.41
N GLU B 44 -5.28 -4.59 -20.15
CA GLU B 44 -4.53 -5.75 -19.69
C GLU B 44 -3.27 -5.29 -18.95
N PRO B 45 -2.67 -6.17 -18.15
CA PRO B 45 -1.41 -5.79 -17.49
C PRO B 45 -0.34 -5.45 -18.51
N GLU B 46 0.45 -4.42 -18.20
CA GLU B 46 1.53 -3.99 -19.07
C GLU B 46 2.87 -4.33 -18.45
N PHE B 47 3.79 -4.80 -19.29
CA PHE B 47 5.12 -5.20 -18.83
C PHE B 47 5.85 -4.01 -18.19
N LEU B 48 6.60 -4.30 -17.13
CA LEU B 48 7.41 -3.30 -16.44
C LEU B 48 8.87 -3.73 -16.33
N ALA B 49 9.13 -4.95 -15.86
CA ALA B 49 10.49 -5.40 -15.64
C ALA B 49 10.53 -6.91 -15.64
N ARG B 50 11.71 -7.46 -15.93
CA ARG B 50 11.93 -8.89 -15.94
C ARG B 50 13.31 -9.18 -15.37
N ILE B 51 13.43 -10.30 -14.67
CA ILE B 51 14.72 -10.72 -14.12
C ILE B 51 14.87 -12.22 -14.28
N THR B 52 16.09 -12.64 -14.60
CA THR B 52 16.42 -14.06 -14.70
C THR B 52 16.99 -14.56 -13.38
N VAL B 53 17.21 -15.87 -13.30
CA VAL B 53 17.86 -16.45 -12.13
C VAL B 53 19.25 -15.86 -11.95
N GLY B 54 19.97 -15.66 -13.06
CA GLY B 54 21.30 -15.07 -12.99
C GLY B 54 21.33 -13.62 -12.56
N GLY B 55 20.19 -12.92 -12.67
CA GLY B 55 20.12 -11.52 -12.33
C GLY B 55 20.05 -10.56 -13.49
N THR B 56 19.95 -11.06 -14.72
CA THR B 56 19.79 -10.20 -15.88
C THR B 56 18.45 -9.47 -15.79
N THR B 57 18.46 -8.17 -16.06
CA THR B 57 17.26 -7.35 -15.95
C THR B 57 16.93 -6.73 -17.30
N SER B 58 15.66 -6.36 -17.45
CA SER B 58 15.17 -5.60 -18.57
C SER B 58 13.94 -4.82 -18.10
N TYR B 59 13.72 -3.66 -18.70
CA TYR B 59 12.68 -2.76 -18.23
C TYR B 59 11.91 -2.15 -19.40
N ALA B 60 10.69 -1.75 -19.12
CA ALA B 60 9.94 -0.89 -20.03
C ALA B 60 10.48 0.54 -19.92
N ASP B 61 10.53 1.23 -21.06
CA ASP B 61 11.11 2.57 -21.09
C ASP B 61 10.40 3.54 -20.15
N SER B 62 9.13 3.28 -19.82
CA SER B 62 8.38 4.19 -18.96
C SER B 62 8.84 4.14 -17.50
N VAL B 63 9.65 3.15 -17.11
CA VAL B 63 10.04 3.01 -15.72
C VAL B 63 11.55 2.81 -15.63
N LYS B 64 12.20 2.68 -16.77
CA LYS B 64 13.64 2.48 -16.79
C LYS B 64 14.35 3.67 -16.14
N GLY B 65 15.27 3.38 -15.21
CA GLY B 65 15.94 4.39 -14.46
C GLY B 65 15.31 4.73 -13.12
N ARG B 66 13.99 4.50 -12.97
CA ARG B 66 13.31 4.75 -11.72
C ARG B 66 12.95 3.47 -10.96
N PHE B 67 12.62 2.40 -11.66
CA PHE B 67 12.25 1.14 -11.05
C PHE B 67 13.41 0.16 -11.15
N THR B 68 13.63 -0.62 -10.08
CA THR B 68 14.65 -1.65 -10.06
C THR B 68 14.01 -2.97 -9.66
N ILE B 69 14.18 -3.98 -10.50
CA ILE B 69 13.77 -5.35 -10.17
C ILE B 69 14.99 -6.09 -9.66
N SER B 70 14.79 -6.93 -8.65
CA SER B 70 15.88 -7.72 -8.08
C SER B 70 15.31 -8.99 -7.47
N ARG B 71 16.20 -9.87 -7.05
CA ARG B 71 15.80 -11.17 -6.54
C ARG B 71 16.71 -11.58 -5.39
N ASP B 72 16.12 -12.13 -4.35
CA ASP B 72 16.85 -12.76 -3.25
C ASP B 72 16.54 -14.26 -3.32
N LEU B 73 17.47 -15.03 -3.88
CA LEU B 73 17.26 -16.46 -4.02
C LEU B 73 17.12 -17.15 -2.66
N ALA B 74 17.84 -16.67 -1.66
CA ALA B 74 17.75 -17.29 -0.33
C ALA B 74 16.38 -17.11 0.29
N LYS B 75 15.66 -16.05 -0.09
CA LYS B 75 14.32 -15.80 0.42
C LYS B 75 13.22 -16.07 -0.60
N SER B 76 13.57 -16.54 -1.80
CA SER B 76 12.60 -16.83 -2.85
C SER B 76 11.70 -15.63 -3.12
N THR B 77 12.29 -14.43 -3.07
CA THR B 77 11.54 -13.19 -3.20
C THR B 77 12.12 -12.34 -4.32
N VAL B 78 11.24 -11.86 -5.19
CA VAL B 78 11.59 -10.87 -6.21
C VAL B 78 11.05 -9.52 -5.75
N TYR B 79 11.84 -8.47 -5.95
CA TYR B 79 11.50 -7.13 -5.49
C TYR B 79 11.32 -6.18 -6.66
N LEU B 80 10.49 -5.15 -6.45
CA LEU B 80 10.38 -4.03 -7.37
C LEU B 80 10.55 -2.76 -6.55
N GLN B 81 11.73 -2.17 -6.60
CA GLN B 81 12.01 -0.90 -5.92
C GLN B 81 11.55 0.24 -6.83
N MET B 82 10.55 0.98 -6.38
CA MET B 82 9.93 2.04 -7.18
C MET B 82 10.27 3.39 -6.56
N ASP B 83 11.18 4.12 -7.20
CA ASP B 83 11.62 5.42 -6.74
C ASP B 83 11.00 6.53 -7.58
N TYR B 84 10.93 7.72 -6.97
CA TYR B 84 10.38 8.92 -7.59
C TYR B 84 9.03 8.63 -8.25
N LEU B 85 8.11 8.14 -7.43
CA LEU B 85 6.81 7.73 -7.93
C LEU B 85 6.00 8.94 -8.37
N LYS B 86 5.23 8.75 -9.44
CA LYS B 86 4.38 9.76 -10.02
C LYS B 86 2.92 9.34 -9.91
N PRO B 87 1.98 10.29 -9.95
CA PRO B 87 0.56 9.91 -9.91
C PRO B 87 0.17 8.92 -10.99
N GLU B 88 0.84 8.96 -12.14
CA GLU B 88 0.53 8.08 -13.26
C GLU B 88 1.15 6.70 -13.11
N ASP B 89 1.83 6.42 -12.01
CA ASP B 89 2.24 5.07 -11.67
C ASP B 89 1.18 4.33 -10.89
N THR B 90 0.08 5.01 -10.56
CA THR B 90 -1.02 4.38 -9.85
C THR B 90 -1.64 3.27 -10.69
N ALA B 91 -1.68 2.07 -10.12
CA ALA B 91 -2.22 0.90 -10.78
C ALA B 91 -2.18 -0.27 -9.80
N VAL B 92 -2.71 -1.40 -10.25
CA VAL B 92 -2.53 -2.67 -9.57
C VAL B 92 -1.31 -3.35 -10.18
N TYR B 93 -0.37 -3.76 -9.33
CA TYR B 93 0.90 -4.33 -9.77
C TYR B 93 0.88 -5.84 -9.57
N TYR B 94 1.18 -6.57 -10.64
CA TYR B 94 1.19 -8.02 -10.63
C TYR B 94 2.60 -8.54 -10.88
N CYS B 95 2.97 -9.60 -10.16
CA CYS B 95 4.19 -10.33 -10.40
CA CYS B 95 4.20 -10.31 -10.44
C CYS B 95 3.85 -11.69 -11.00
N ASN B 96 4.76 -12.20 -11.84
CA ASN B 96 4.58 -13.52 -12.42
C ASN B 96 5.94 -14.18 -12.53
N ALA B 97 5.93 -15.48 -12.78
CA ALA B 97 7.16 -16.25 -12.87
C ALA B 97 6.92 -17.46 -13.76
N ASP B 98 7.80 -17.67 -14.73
CA ASP B 98 7.79 -18.88 -15.52
C ASP B 98 8.77 -19.86 -14.93
N PHE B 99 8.38 -21.13 -14.90
CA PHE B 99 9.19 -22.16 -14.26
C PHE B 99 9.11 -23.44 -15.05
N ASP B 100 9.95 -24.41 -14.65
CA ASP B 100 9.97 -25.74 -15.24
C ASP B 100 10.32 -25.65 -16.74
N PHE B 101 11.57 -25.23 -16.99
CA PHE B 101 12.07 -24.98 -18.34
C PHE B 101 11.20 -23.97 -19.07
N GLY B 102 10.70 -22.97 -18.33
CA GLY B 102 9.85 -21.96 -18.93
C GLY B 102 8.58 -22.48 -19.54
N SER B 103 8.10 -23.63 -19.07
CA SER B 103 6.92 -24.27 -19.64
C SER B 103 5.64 -23.96 -18.87
N ARG B 104 5.74 -23.36 -17.69
CA ARG B 104 4.57 -23.06 -16.87
C ARG B 104 4.70 -21.66 -16.30
N THR B 105 3.57 -21.09 -15.90
CA THR B 105 3.53 -19.71 -15.44
C THR B 105 2.65 -19.60 -14.20
N ALA B 106 3.11 -18.82 -13.23
CA ALA B 106 2.36 -18.52 -12.02
C ALA B 106 2.20 -17.01 -11.89
N TRP B 107 1.11 -16.59 -11.24
CA TRP B 107 0.81 -15.18 -11.07
C TRP B 107 0.50 -14.89 -9.60
N GLY B 108 0.94 -13.73 -9.13
CA GLY B 108 0.57 -13.27 -7.82
C GLY B 108 -0.82 -12.65 -7.81
N GLN B 109 -1.34 -12.43 -6.60
CA GLN B 109 -2.68 -11.90 -6.45
C GLN B 109 -2.77 -10.41 -6.72
N GLY B 110 -1.65 -9.73 -6.87
CA GLY B 110 -1.68 -8.30 -7.14
C GLY B 110 -1.57 -7.47 -5.87
N THR B 111 -0.91 -6.33 -6.00
CA THR B 111 -0.83 -5.35 -4.93
C THR B 111 -1.07 -3.97 -5.52
N GLN B 112 -1.85 -3.16 -4.82
CA GLN B 112 -2.32 -1.89 -5.34
C GLN B 112 -1.40 -0.76 -4.90
N VAL B 113 -1.02 0.08 -5.86
CA VAL B 113 -0.16 1.23 -5.61
C VAL B 113 -0.93 2.49 -6.01
N THR B 114 -1.04 3.43 -5.08
CA THR B 114 -1.71 4.70 -5.33
C THR B 114 -0.78 5.83 -4.91
N VAL B 115 -0.46 6.70 -5.86
CA VAL B 115 0.42 7.84 -5.62
C VAL B 115 -0.46 9.09 -5.55
N SER B 116 -0.64 9.63 -4.35
CA SER B 116 -1.65 10.65 -4.13
C SER B 116 -1.20 11.64 -3.07
N SER B 117 -1.83 12.81 -3.08
CA SER B 117 -1.59 13.89 -2.11
C SER B 117 -0.14 14.34 -2.12
#